data_7B99
#
_entry.id   7B99
#
_cell.length_a   60.418
_cell.length_b   73.413
_cell.length_c   79.045
_cell.angle_alpha   90.000
_cell.angle_beta   90.000
_cell.angle_gamma   90.000
#
_symmetry.space_group_name_H-M   'P 21 21 21'
#
loop_
_entity.id
_entity.type
_entity.pdbx_description
1 polymer 'Palmitoleoyl-protein carboxylesterase NOTUM'
2 non-polymer 'SULFATE ION'
3 non-polymer 2-acetamido-2-deoxy-beta-D-glucopyranose
4 non-polymer ~{N}-(4-phenylazanylphenyl)ethanamide
5 non-polymer 'DIMETHYL SULFOXIDE'
6 water water
#
_entity_poly.entity_id   1
_entity_poly.type   'polypeptide(L)'
_entity_poly.pdbx_seq_one_letter_code
;ETGSAQQLNEDLRLHLLLNTSVTCNDGSPAGYYLKESRGSRRWLLFLEGGWYCFNRENCDSRYDTMRRLMSSRDWPRTRT
GTGILSSQPEENPYWWNANMVFIPYCSSDVWSGASSKSEKNEYAFMGALIIQEVVRELLGRGLSGAKVLLLAGSSAGGTG
VLLNVDRVAEQLEKLGYPAIQVRGLADSGWFLDNKQYRHTDCVDTITCAPTEAIRRGIRYWNGVVPERCRRQFQEGEEWN
CFFGYKVYPTLRSPVFVVQWLFDEAQLTVDNVHLTGQPVQEGLRLYIQNLGRELRHTLKDVPASFAPACLSHEIIIRSHW
TDVQVKGTSLPRALHCWDRSLHDSHKASKTPLKGCPVHLVDSCPWPHCNPSCPTGTKHHHHHH
;
_entity_poly.pdbx_strand_id   A
#
loop_
_chem_comp.id
_chem_comp.type
_chem_comp.name
_chem_comp.formula
B1A non-polymer ~{N}-(4-phenylazanylphenyl)ethanamide 'C14 H14 N2 O'
DMS non-polymer 'DIMETHYL SULFOXIDE' 'C2 H6 O S'
NAG D-saccharide, beta linking 2-acetamido-2-deoxy-beta-D-glucopyranose 'C8 H15 N O6'
SO4 non-polymer 'SULFATE ION' 'O4 S -2'
#
# COMPACT_ATOMS: atom_id res chain seq x y z
N ASP A 11 11.93 17.46 5.44
CA ASP A 11 12.35 17.13 4.08
C ASP A 11 13.12 15.82 3.97
N LEU A 12 12.63 14.96 3.07
CA LEU A 12 13.34 13.78 2.62
C LEU A 12 14.04 14.09 1.30
N ARG A 13 15.31 13.74 1.20
CA ARG A 13 16.10 13.98 -0.01
C ARG A 13 16.20 12.78 -0.96
N LEU A 14 16.12 13.11 -2.25
CA LEU A 14 16.07 12.14 -3.35
C LEU A 14 17.41 11.45 -3.59
N HIS A 15 17.34 10.14 -3.83
CA HIS A 15 18.46 9.35 -4.32
C HIS A 15 17.97 8.51 -5.49
N LEU A 16 18.56 8.72 -6.66
CA LEU A 16 18.26 7.83 -7.78
C LEU A 16 19.07 6.55 -7.64
N LEU A 17 18.49 5.43 -8.10
CA LEU A 17 19.10 4.13 -7.89
C LEU A 17 20.45 4.04 -8.59
N LEU A 18 21.45 3.53 -7.86
CA LEU A 18 22.78 3.33 -8.42
C LEU A 18 22.77 2.28 -9.52
N ASN A 19 21.85 1.32 -9.45
CA ASN A 19 21.67 0.34 -10.52
C ASN A 19 20.65 0.94 -11.49
N THR A 20 21.15 1.53 -12.58
CA THR A 20 20.27 2.25 -13.49
C THR A 20 19.50 1.34 -14.44
N SER A 21 19.68 0.02 -14.34
CA SER A 21 18.84 -0.92 -15.09
CA SER A 21 18.84 -0.91 -15.11
C SER A 21 17.50 -1.17 -14.43
N VAL A 22 17.26 -0.61 -13.25
CA VAL A 22 15.99 -0.71 -12.54
C VAL A 22 15.29 0.63 -12.73
N THR A 23 14.27 0.68 -13.59
CA THR A 23 13.81 1.93 -14.17
C THR A 23 12.32 2.15 -13.98
N CYS A 24 11.91 3.41 -14.11
CA CYS A 24 10.51 3.79 -14.26
C CYS A 24 10.00 3.34 -15.63
N ASN A 25 8.74 3.68 -15.93
CA ASN A 25 8.12 3.19 -17.16
C ASN A 25 8.92 3.56 -18.40
N ASP A 26 9.45 4.79 -18.45
CA ASP A 26 10.09 5.29 -19.66
C ASP A 26 11.60 5.04 -19.69
N GLY A 27 12.13 4.18 -18.83
CA GLY A 27 13.54 3.88 -18.81
C GLY A 27 14.40 4.78 -17.96
N SER A 28 13.84 5.87 -17.42
CA SER A 28 14.59 6.71 -16.51
C SER A 28 14.79 5.99 -15.16
N PRO A 29 15.82 6.34 -14.40
CA PRO A 29 16.10 5.62 -13.16
C PRO A 29 14.99 5.82 -12.13
N ALA A 30 14.66 4.74 -11.43
CA ALA A 30 13.79 4.82 -10.26
C ALA A 30 14.60 5.37 -9.08
N GLY A 31 13.94 5.54 -7.94
CA GLY A 31 14.65 6.10 -6.79
C GLY A 31 13.84 6.05 -5.51
N TYR A 32 14.29 6.82 -4.53
CA TYR A 32 13.67 6.89 -3.21
C TYR A 32 14.08 8.18 -2.52
N TYR A 33 13.22 8.68 -1.63
CA TYR A 33 13.51 9.83 -0.78
C TYR A 33 13.79 9.35 0.64
N LEU A 34 14.84 9.90 1.26
CA LEU A 34 15.33 9.39 2.55
C LEU A 34 15.54 10.53 3.54
N LYS A 35 15.03 10.34 4.75
CA LYS A 35 15.38 11.15 5.91
C LYS A 35 15.78 10.18 7.01
N GLU A 36 17.05 10.14 7.31
CA GLU A 36 17.53 9.08 8.16
C GLU A 36 17.38 9.56 9.62
N SER A 37 17.48 8.62 10.58
CA SER A 37 17.42 8.90 12.04
C SER A 37 18.36 7.94 12.77
N ARG A 38 19.64 8.30 12.75
CA ARG A 38 20.83 7.83 13.47
C ARG A 38 20.53 7.12 14.78
N GLY A 39 19.75 7.79 15.64
CA GLY A 39 19.46 7.29 16.97
C GLY A 39 18.29 6.33 16.98
N SER A 40 17.88 5.85 15.81
CA SER A 40 16.72 4.97 15.69
C SER A 40 17.08 3.72 14.91
N ARG A 41 16.45 2.62 15.28
CA ARG A 41 16.70 1.35 14.62
C ARG A 41 15.43 0.84 13.96
N ARG A 42 14.46 1.73 13.73
CA ARG A 42 13.21 1.46 13.05
C ARG A 42 13.24 2.11 11.67
N TRP A 43 12.71 1.41 10.67
CA TRP A 43 12.74 1.89 9.28
C TRP A 43 11.36 1.76 8.64
N LEU A 44 10.86 2.86 8.09
CA LEU A 44 9.57 2.93 7.43
C LEU A 44 9.77 3.16 5.94
N LEU A 45 9.34 2.20 5.12
CA LEU A 45 9.40 2.29 3.66
C LEU A 45 7.97 2.39 3.14
N PHE A 46 7.63 3.53 2.53
CA PHE A 46 6.27 3.82 2.10
C PHE A 46 6.15 3.75 0.59
N LEU A 47 5.11 3.06 0.11
CA LEU A 47 4.86 2.88 -1.32
C LEU A 47 3.71 3.80 -1.76
N GLU A 48 4.01 4.73 -2.67
CA GLU A 48 3.00 5.63 -3.22
C GLU A 48 1.99 4.87 -4.08
N GLY A 49 0.77 5.41 -4.17
CA GLY A 49 -0.25 4.90 -5.04
C GLY A 49 -0.47 5.75 -6.27
N GLY A 50 -1.51 5.38 -7.05
CA GLY A 50 -1.89 6.15 -8.22
C GLY A 50 -2.42 5.36 -9.41
N TRP A 51 -3.40 4.48 -9.17
CA TRP A 51 -4.01 3.60 -10.18
C TRP A 51 -2.93 2.84 -10.96
N TYR A 52 -3.10 2.66 -12.28
CA TYR A 52 -2.20 1.84 -13.11
C TYR A 52 -2.67 1.91 -14.57
N CYS A 53 -1.85 1.36 -15.47
CA CYS A 53 -2.23 1.24 -16.88
C CYS A 53 -1.93 -0.17 -17.37
N PHE A 54 -2.67 -0.61 -18.40
CA PHE A 54 -2.64 -2.03 -18.74
C PHE A 54 -2.54 -2.35 -20.23
N ASN A 55 -2.35 -1.37 -21.10
CA ASN A 55 -2.05 -1.62 -22.50
C ASN A 55 -1.38 -0.38 -23.08
N ARG A 56 -0.96 -0.49 -24.35
CA ARG A 56 -0.20 0.60 -24.98
C ARG A 56 -0.97 1.91 -24.99
N GLU A 57 -2.23 1.88 -25.44
CA GLU A 57 -2.95 3.14 -25.63
C GLU A 57 -3.27 3.84 -24.32
N ASN A 58 -3.66 3.10 -23.28
CA ASN A 58 -3.94 3.82 -22.04
C ASN A 58 -2.70 4.05 -21.19
N CYS A 59 -1.57 3.39 -21.48
CA CYS A 59 -0.31 3.83 -20.89
C CYS A 59 0.20 5.09 -21.59
N ASP A 60 -0.02 5.21 -22.91
CA ASP A 60 0.35 6.43 -23.62
C ASP A 60 -0.42 7.64 -23.09
N SER A 61 -1.72 7.45 -22.81
N SER A 61 -1.71 7.47 -22.79
CA SER A 61 -2.53 8.52 -22.23
CA SER A 61 -2.49 8.58 -22.25
C SER A 61 -1.96 8.98 -20.90
C SER A 61 -1.96 9.00 -20.88
N ARG A 62 -1.61 8.02 -20.04
CA ARG A 62 -1.02 8.34 -18.74
C ARG A 62 0.31 9.07 -18.89
N TYR A 63 1.07 8.77 -19.94
CA TYR A 63 2.36 9.44 -20.13
C TYR A 63 2.20 10.91 -20.49
N ASP A 64 1.06 11.30 -21.06
CA ASP A 64 0.86 12.71 -21.41
C ASP A 64 0.43 13.56 -20.22
N THR A 65 -0.37 13.03 -19.31
CA THR A 65 -0.99 13.85 -18.28
C THR A 65 -0.75 13.38 -16.85
N MET A 66 -0.01 12.29 -16.65
CA MET A 66 0.39 11.82 -15.32
C MET A 66 1.83 11.34 -15.38
N ARG A 67 2.71 12.14 -15.97
CA ARG A 67 4.05 11.68 -16.33
C ARG A 67 4.93 11.42 -15.12
N ARG A 68 4.74 12.15 -14.02
CA ARG A 68 5.56 11.90 -12.83
C ARG A 68 5.31 10.51 -12.24
N LEU A 69 4.20 9.87 -12.61
CA LEU A 69 3.93 8.49 -12.25
C LEU A 69 4.48 7.50 -13.27
N MET A 70 5.33 7.97 -14.21
CA MET A 70 5.90 7.11 -15.22
C MET A 70 7.37 7.43 -15.52
N SER A 71 7.95 8.41 -14.83
CA SER A 71 9.27 8.94 -15.18
C SER A 71 9.81 9.73 -13.99
N SER A 72 11.13 9.72 -13.84
CA SER A 72 11.79 10.49 -12.78
C SER A 72 12.42 11.78 -13.29
N ARG A 73 12.30 12.08 -14.58
CA ARG A 73 13.02 13.20 -15.15
C ARG A 73 12.60 14.54 -14.55
N ASP A 74 11.40 14.63 -13.97
CA ASP A 74 10.87 15.87 -13.42
C ASP A 74 10.71 15.86 -11.90
N TRP A 75 11.23 14.85 -11.21
CA TRP A 75 11.07 14.78 -9.76
C TRP A 75 11.83 15.92 -9.07
N PRO A 76 11.30 16.44 -7.96
CA PRO A 76 12.07 17.41 -7.18
C PRO A 76 13.11 16.74 -6.31
N ARG A 77 14.06 17.54 -5.84
CA ARG A 77 15.15 17.00 -5.03
C ARG A 77 14.71 16.70 -3.59
N THR A 78 13.57 17.23 -3.14
CA THR A 78 13.13 17.02 -1.77
C THR A 78 11.61 16.83 -1.71
N ARG A 79 11.17 16.12 -0.68
CA ARG A 79 9.75 15.99 -0.30
C ARG A 79 9.59 16.24 1.19
N THR A 80 8.43 16.76 1.58
CA THR A 80 8.08 16.89 2.99
C THR A 80 7.43 15.60 3.47
N GLY A 81 7.87 15.11 4.63
CA GLY A 81 7.24 13.96 5.25
C GLY A 81 6.00 14.37 6.00
N THR A 82 4.88 13.70 5.72
CA THR A 82 3.59 14.03 6.31
C THR A 82 2.95 12.78 6.90
N GLY A 83 2.11 12.99 7.91
CA GLY A 83 1.43 11.88 8.55
C GLY A 83 2.41 10.95 9.24
N ILE A 84 2.36 9.67 8.86
CA ILE A 84 3.27 8.67 9.45
C ILE A 84 4.70 8.87 8.98
N LEU A 85 4.93 9.69 7.95
CA LEU A 85 6.28 10.06 7.51
C LEU A 85 6.76 11.36 8.16
N SER A 86 5.99 11.95 9.07
CA SER A 86 6.41 13.16 9.76
C SER A 86 7.33 12.81 10.93
N SER A 87 8.30 13.68 11.18
CA SER A 87 9.27 13.52 12.26
C SER A 87 8.85 14.26 13.53
N GLN A 88 7.67 14.86 13.56
CA GLN A 88 7.23 15.67 14.69
C GLN A 88 6.21 14.91 15.51
N PRO A 89 6.42 14.73 16.82
CA PRO A 89 5.52 13.88 17.60
C PRO A 89 4.07 14.35 17.63
N GLU A 90 3.81 15.64 17.44
CA GLU A 90 2.43 16.11 17.41
C GLU A 90 1.70 15.64 16.16
N GLU A 91 2.40 15.55 15.03
CA GLU A 91 1.76 15.05 13.82
C GLU A 91 1.84 13.53 13.73
N ASN A 92 2.82 12.91 14.38
CA ASN A 92 3.09 11.48 14.24
C ASN A 92 3.38 10.88 15.61
N PRO A 93 2.34 10.62 16.42
CA PRO A 93 2.59 10.01 17.74
C PRO A 93 3.15 8.60 17.66
N TYR A 94 3.00 7.91 16.53
CA TYR A 94 3.43 6.52 16.39
C TYR A 94 4.94 6.36 16.23
N TRP A 95 5.51 6.78 15.10
CA TRP A 95 6.92 6.51 14.77
C TRP A 95 7.67 7.77 14.38
N TRP A 96 7.53 8.86 15.15
CA TRP A 96 8.16 10.12 14.76
C TRP A 96 9.68 10.07 14.72
N ASN A 97 10.33 9.15 15.45
CA ASN A 97 11.78 9.08 15.47
C ASN A 97 12.36 8.10 14.46
N ALA A 98 11.53 7.51 13.59
CA ALA A 98 12.02 6.46 12.71
C ALA A 98 12.81 7.03 11.53
N ASN A 99 13.54 6.14 10.87
CA ASN A 99 14.13 6.45 9.56
C ASN A 99 13.01 6.42 8.52
N MET A 100 12.91 7.47 7.70
CA MET A 100 11.77 7.65 6.81
C MET A 100 12.17 7.49 5.34
N VAL A 101 11.43 6.68 4.60
CA VAL A 101 11.68 6.44 3.18
C VAL A 101 10.35 6.53 2.42
N PHE A 102 10.32 7.37 1.38
CA PHE A 102 9.20 7.49 0.45
C PHE A 102 9.67 6.99 -0.90
N ILE A 103 9.04 5.92 -1.41
CA ILE A 103 9.40 5.35 -2.71
C ILE A 103 8.35 5.79 -3.73
N PRO A 104 8.69 6.66 -4.67
CA PRO A 104 7.71 7.09 -5.68
C PRO A 104 7.25 5.95 -6.56
N TYR A 105 5.97 6.01 -6.95
CA TYR A 105 5.33 5.02 -7.80
C TYR A 105 5.47 5.47 -9.25
N CYS A 106 6.37 4.84 -10.00
CA CYS A 106 6.60 5.22 -11.39
C CYS A 106 6.60 4.01 -12.32
N SER A 107 5.94 2.92 -11.92
CA SER A 107 5.91 1.70 -12.71
C SER A 107 4.51 1.27 -13.15
N SER A 108 3.45 1.92 -12.65
CA SER A 108 2.08 1.76 -13.16
C SER A 108 1.61 0.31 -13.18
N ASP A 109 2.09 -0.51 -12.22
CA ASP A 109 1.88 -1.96 -12.24
C ASP A 109 1.47 -2.51 -10.88
N VAL A 110 0.99 -1.65 -9.99
CA VAL A 110 0.53 -1.98 -8.64
C VAL A 110 1.71 -2.65 -7.92
N TRP A 111 2.93 -2.24 -8.26
CA TRP A 111 4.16 -2.71 -7.61
C TRP A 111 4.42 -4.20 -7.84
N SER A 112 3.95 -4.74 -8.97
CA SER A 112 4.03 -6.17 -9.22
C SER A 112 4.92 -6.57 -10.40
N GLY A 113 5.43 -5.63 -11.18
CA GLY A 113 6.04 -5.98 -12.45
C GLY A 113 7.50 -6.36 -12.34
N ALA A 114 7.96 -7.13 -13.31
CA ALA A 114 9.35 -7.56 -13.42
C ALA A 114 9.71 -7.71 -14.90
N SER A 115 9.58 -6.62 -15.65
N SER A 115 9.56 -6.65 -15.69
CA SER A 115 9.75 -6.63 -17.09
CA SER A 115 9.82 -6.76 -17.11
C SER A 115 10.56 -5.41 -17.52
C SER A 115 10.49 -5.48 -17.62
N SER A 116 11.65 -5.67 -18.25
CA SER A 116 12.48 -4.59 -18.74
C SER A 116 11.94 -4.00 -20.03
N LYS A 117 12.31 -2.76 -20.26
CA LYS A 117 12.08 -2.11 -21.54
C LYS A 117 12.91 -2.73 -22.70
N SER A 118 12.28 -2.91 -23.86
CA SER A 118 13.06 -3.62 -24.85
C SER A 118 12.58 -3.51 -26.27
N GLU A 119 13.33 -4.27 -27.07
CA GLU A 119 13.14 -4.78 -28.40
C GLU A 119 11.62 -4.85 -28.62
N LYS A 120 10.90 -5.57 -27.76
CA LYS A 120 9.46 -5.77 -27.95
C LYS A 120 8.57 -5.04 -26.91
N ASN A 121 9.12 -4.16 -26.08
CA ASN A 121 8.36 -3.54 -24.99
C ASN A 121 8.54 -2.03 -25.03
N GLU A 122 7.46 -1.28 -25.27
CA GLU A 122 7.54 0.18 -25.21
C GLU A 122 7.86 0.68 -23.81
N TYR A 123 7.30 0.05 -22.79
CA TYR A 123 7.53 0.47 -21.41
C TYR A 123 8.13 -0.64 -20.56
N ALA A 124 8.80 -0.20 -19.49
CA ALA A 124 9.30 -1.08 -18.44
C ALA A 124 8.32 -1.07 -17.27
N PHE A 125 8.09 -2.25 -16.70
CA PHE A 125 7.19 -2.42 -15.55
C PHE A 125 8.00 -3.18 -14.50
N MET A 126 8.63 -2.46 -13.56
CA MET A 126 9.64 -3.05 -12.70
C MET A 126 9.35 -2.82 -11.22
N GLY A 127 8.08 -2.65 -10.85
CA GLY A 127 7.75 -2.26 -9.48
C GLY A 127 8.26 -3.22 -8.42
N ALA A 128 8.14 -4.53 -8.68
CA ALA A 128 8.64 -5.50 -7.70
C ALA A 128 10.16 -5.43 -7.59
N LEU A 129 10.85 -5.17 -8.70
CA LEU A 129 12.31 -5.07 -8.66
C LEU A 129 12.76 -3.73 -8.08
N ILE A 130 11.95 -2.68 -8.20
CA ILE A 130 12.29 -1.40 -7.58
C ILE A 130 12.35 -1.54 -6.06
N ILE A 131 11.34 -2.20 -5.47
CA ILE A 131 11.32 -2.39 -4.02
C ILE A 131 12.56 -3.15 -3.57
N GLN A 132 12.87 -4.25 -4.26
CA GLN A 132 14.04 -5.06 -3.93
C GLN A 132 15.33 -4.25 -4.01
N GLU A 133 15.47 -3.40 -5.03
CA GLU A 133 16.70 -2.63 -5.20
C GLU A 133 16.83 -1.55 -4.14
N VAL A 134 15.72 -0.91 -3.75
CA VAL A 134 15.77 0.10 -2.69
C VAL A 134 16.27 -0.53 -1.40
N VAL A 135 15.75 -1.71 -1.05
CA VAL A 135 16.18 -2.40 0.17
C VAL A 135 17.67 -2.70 0.12
N ARG A 136 18.15 -3.20 -1.02
CA ARG A 136 19.55 -3.56 -1.16
C ARG A 136 20.46 -2.35 -0.94
N GLU A 137 20.12 -1.22 -1.57
CA GLU A 137 20.97 -0.04 -1.46
C GLU A 137 20.82 0.65 -0.10
N LEU A 138 19.69 0.45 0.59
CA LEU A 138 19.53 1.05 1.91
C LEU A 138 20.36 0.33 2.97
N LEU A 139 20.66 -0.95 2.75
CA LEU A 139 21.47 -1.70 3.71
C LEU A 139 22.83 -1.05 3.94
N GLY A 140 23.42 -0.48 2.89
CA GLY A 140 24.68 0.23 3.02
C GLY A 140 24.56 1.60 3.67
N ARG A 141 23.34 2.08 3.91
CA ARG A 141 23.11 3.36 4.55
C ARG A 141 22.55 3.24 5.96
N GLY A 142 22.62 2.05 6.56
CA GLY A 142 22.19 1.87 7.93
C GLY A 142 21.07 0.87 8.14
N LEU A 143 20.40 0.39 7.10
CA LEU A 143 19.36 -0.61 7.29
C LEU A 143 19.92 -1.92 7.83
N SER A 144 21.22 -2.15 7.65
CA SER A 144 21.86 -3.35 8.20
C SER A 144 21.74 -3.41 9.73
N GLY A 145 21.63 -2.25 10.38
CA GLY A 145 21.48 -2.21 11.82
C GLY A 145 20.06 -2.26 12.31
N ALA A 146 19.09 -2.43 11.42
CA ALA A 146 17.71 -2.29 11.79
C ALA A 146 17.21 -3.49 12.59
N LYS A 147 16.18 -3.23 13.38
CA LYS A 147 15.44 -4.19 14.17
C LYS A 147 13.98 -4.31 13.78
N VAL A 148 13.38 -3.30 13.14
CA VAL A 148 12.08 -3.45 12.49
C VAL A 148 12.07 -2.70 11.16
N LEU A 149 11.60 -3.37 10.09
CA LEU A 149 11.34 -2.75 8.80
C LEU A 149 9.84 -2.84 8.52
N LEU A 150 9.16 -1.70 8.51
CA LEU A 150 7.73 -1.63 8.21
C LEU A 150 7.56 -1.18 6.76
N LEU A 151 7.03 -2.09 5.92
CA LEU A 151 6.67 -1.76 4.54
C LEU A 151 5.21 -1.30 4.52
N ALA A 152 4.99 -0.03 4.22
CA ALA A 152 3.67 0.58 4.22
C ALA A 152 3.34 1.14 2.84
N GLY A 153 2.08 1.50 2.63
CA GLY A 153 1.65 2.01 1.34
C GLY A 153 0.16 2.29 1.35
N SER A 154 -0.25 3.17 0.42
CA SER A 154 -1.64 3.62 0.28
C SER A 154 -2.16 3.37 -1.14
N SER A 155 -3.45 2.97 -1.21
CA SER A 155 -4.14 2.68 -2.46
CA SER A 155 -4.14 2.70 -2.47
CA SER A 155 -4.15 2.68 -2.46
C SER A 155 -3.37 1.61 -3.21
N ALA A 156 -2.92 1.85 -4.45
CA ALA A 156 -2.14 0.84 -5.16
C ALA A 156 -0.89 0.46 -4.39
N GLY A 157 -0.36 1.39 -3.58
CA GLY A 157 0.74 1.05 -2.70
C GLY A 157 0.33 0.14 -1.56
N GLY A 158 -0.92 0.24 -1.12
CA GLY A 158 -1.41 -0.68 -0.10
C GLY A 158 -1.53 -2.10 -0.62
N THR A 159 -2.07 -2.27 -1.82
CA THR A 159 -2.06 -3.59 -2.45
C THR A 159 -0.64 -4.06 -2.67
N GLY A 160 0.28 -3.14 -2.99
CA GLY A 160 1.67 -3.49 -3.17
C GLY A 160 2.33 -4.04 -1.92
N VAL A 161 1.94 -3.53 -0.74
CA VAL A 161 2.42 -4.11 0.51
C VAL A 161 2.06 -5.59 0.57
N LEU A 162 0.80 -5.92 0.27
CA LEU A 162 0.34 -7.30 0.34
C LEU A 162 1.10 -8.19 -0.63
N LEU A 163 1.46 -7.67 -1.80
CA LEU A 163 2.13 -8.49 -2.80
C LEU A 163 3.62 -8.66 -2.55
N ASN A 164 4.24 -7.78 -1.74
CA ASN A 164 5.69 -7.72 -1.65
C ASN A 164 6.27 -7.93 -0.27
N VAL A 165 5.46 -7.90 0.81
CA VAL A 165 6.02 -7.91 2.15
C VAL A 165 6.78 -9.21 2.43
N ASP A 166 6.24 -10.36 2.00
CA ASP A 166 6.96 -11.62 2.23
C ASP A 166 8.22 -11.73 1.38
N ARG A 167 8.23 -11.14 0.18
CA ARG A 167 9.46 -11.20 -0.62
C ARG A 167 10.57 -10.37 0.01
N VAL A 168 10.22 -9.25 0.63
CA VAL A 168 11.23 -8.45 1.32
C VAL A 168 11.80 -9.23 2.50
N ALA A 169 10.93 -9.92 3.25
CA ALA A 169 11.39 -10.76 4.35
C ALA A 169 12.32 -11.85 3.85
N GLU A 170 11.97 -12.49 2.73
CA GLU A 170 12.82 -13.54 2.16
C GLU A 170 14.15 -12.99 1.67
N GLN A 171 14.12 -11.77 1.09
CA GLN A 171 15.35 -11.13 0.60
C GLN A 171 16.35 -10.91 1.74
N LEU A 172 15.88 -10.39 2.87
CA LEU A 172 16.79 -10.10 3.97
C LEU A 172 17.30 -11.39 4.62
N GLU A 173 16.46 -12.42 4.68
CA GLU A 173 16.90 -13.71 5.21
C GLU A 173 18.01 -14.30 4.36
N LYS A 174 17.91 -14.19 3.02
CA LYS A 174 18.93 -14.79 2.17
C LYS A 174 20.19 -13.95 2.10
N LEU A 175 20.09 -12.63 2.29
CA LEU A 175 21.27 -11.79 2.35
C LEU A 175 22.04 -11.91 3.66
N GLY A 176 21.52 -12.65 4.64
CA GLY A 176 22.19 -12.85 5.89
C GLY A 176 21.75 -11.95 7.02
N TYR A 177 20.50 -11.48 7.01
CA TYR A 177 19.97 -10.57 8.01
C TYR A 177 18.72 -11.13 8.67
N PRO A 178 18.81 -12.28 9.35
CA PRO A 178 17.60 -12.90 9.92
C PRO A 178 17.01 -12.13 11.09
N ALA A 179 17.71 -11.14 11.65
CA ALA A 179 17.24 -10.44 12.84
C ALA A 179 16.32 -9.25 12.54
N ILE A 180 16.28 -8.77 11.31
CA ILE A 180 15.40 -7.66 10.95
C ILE A 180 13.98 -8.20 10.82
N GLN A 181 13.07 -7.68 11.64
CA GLN A 181 11.67 -8.11 11.61
C GLN A 181 10.93 -7.28 10.56
N VAL A 182 10.46 -7.94 9.49
CA VAL A 182 9.73 -7.28 8.42
C VAL A 182 8.23 -7.38 8.68
N ARG A 183 7.53 -6.25 8.58
CA ARG A 183 6.09 -6.17 8.81
C ARG A 183 5.45 -5.33 7.71
N GLY A 184 4.13 -5.40 7.61
CA GLY A 184 3.41 -4.65 6.59
C GLY A 184 2.28 -3.81 7.16
N LEU A 185 2.03 -2.68 6.49
CA LEU A 185 0.93 -1.77 6.81
C LEU A 185 0.23 -1.40 5.49
N ALA A 186 -0.93 -1.99 5.23
CA ALA A 186 -1.63 -1.81 3.96
C ALA A 186 -2.83 -0.87 4.15
N ASP A 187 -2.72 0.33 3.57
CA ASP A 187 -3.73 1.39 3.70
C ASP A 187 -4.53 1.47 2.41
N SER A 188 -5.84 1.25 2.50
CA SER A 188 -6.76 1.49 1.38
C SER A 188 -6.41 0.66 0.15
N GLY A 189 -5.94 -0.57 0.37
CA GLY A 189 -5.63 -1.46 -0.73
C GLY A 189 -6.37 -2.79 -0.66
N TRP A 190 -7.46 -2.82 0.10
CA TRP A 190 -8.22 -4.03 0.42
C TRP A 190 -9.57 -3.94 -0.31
N PHE A 191 -9.64 -4.51 -1.51
CA PHE A 191 -10.80 -4.33 -2.37
C PHE A 191 -11.58 -5.63 -2.56
N LEU A 192 -12.83 -5.48 -3.01
CA LEU A 192 -13.75 -6.60 -3.20
C LEU A 192 -14.08 -6.73 -4.68
N ASP A 193 -14.07 -7.96 -5.18
CA ASP A 193 -14.52 -8.23 -6.55
C ASP A 193 -16.00 -8.56 -6.54
N ASN A 194 -16.81 -7.54 -6.19
CA ASN A 194 -18.22 -7.72 -5.93
C ASN A 194 -19.05 -7.38 -7.16
N LYS A 195 -20.37 -7.55 -7.03
CA LYS A 195 -21.29 -7.15 -8.08
C LYS A 195 -21.40 -5.63 -8.12
N GLN A 196 -21.29 -5.07 -9.32
CA GLN A 196 -21.39 -3.63 -9.50
C GLN A 196 -22.83 -3.16 -9.31
N TYR A 197 -22.98 -1.87 -8.96
CA TYR A 197 -24.31 -1.30 -8.81
C TYR A 197 -24.98 -1.11 -10.17
N ARG A 198 -24.21 -0.63 -11.16
CA ARG A 198 -24.62 -0.67 -12.56
C ARG A 198 -23.48 -1.25 -13.40
N THR A 211 -12.75 -6.98 -13.91
CA THR A 211 -11.61 -7.86 -13.70
C THR A 211 -10.74 -7.98 -14.93
N GLU A 212 -11.26 -7.57 -16.09
CA GLU A 212 -10.46 -7.74 -17.29
C GLU A 212 -9.27 -6.81 -17.30
N ALA A 213 -9.39 -5.62 -16.71
CA ALA A 213 -8.27 -4.68 -16.68
C ALA A 213 -7.08 -5.27 -15.92
N ILE A 214 -7.34 -5.94 -14.80
CA ILE A 214 -6.21 -6.50 -14.04
C ILE A 214 -5.68 -7.79 -14.66
N ARG A 215 -6.56 -8.62 -15.22
CA ARG A 215 -6.07 -9.82 -15.89
C ARG A 215 -5.06 -9.46 -16.93
N ARG A 216 -5.28 -8.35 -17.47
CA ARG A 216 -4.91 -8.10 -18.80
C ARG A 216 -3.64 -7.29 -18.69
N GLY A 217 -3.55 -6.48 -17.64
CA GLY A 217 -2.29 -5.91 -17.10
C GLY A 217 -1.23 -6.89 -16.55
N ILE A 218 -1.61 -7.93 -15.78
CA ILE A 218 -0.55 -8.85 -15.28
C ILE A 218 0.22 -9.46 -16.45
N ARG A 219 -0.47 -9.77 -17.55
CA ARG A 219 0.27 -10.25 -18.72
C ARG A 219 1.14 -9.15 -19.32
N TYR A 220 0.63 -7.91 -19.39
CA TYR A 220 1.38 -6.80 -19.97
C TYR A 220 2.60 -6.44 -19.13
N TRP A 221 2.54 -6.66 -17.81
CA TRP A 221 3.60 -6.28 -16.89
C TRP A 221 4.59 -7.41 -16.60
N ASN A 222 4.27 -8.64 -16.97
CA ASN A 222 4.91 -9.83 -16.39
C ASN A 222 4.82 -9.78 -14.86
N GLY A 223 3.60 -9.53 -14.37
CA GLY A 223 3.42 -9.30 -12.95
C GLY A 223 3.67 -10.55 -12.12
N VAL A 224 4.18 -10.33 -10.92
CA VAL A 224 4.51 -11.42 -9.99
C VAL A 224 3.66 -11.26 -8.74
N VAL A 225 3.24 -12.39 -8.18
CA VAL A 225 2.43 -12.41 -6.96
C VAL A 225 3.09 -13.37 -5.98
N PRO A 226 2.74 -13.30 -4.69
CA PRO A 226 3.42 -14.16 -3.71
C PRO A 226 3.23 -15.63 -4.02
N GLU A 227 4.28 -16.42 -3.74
CA GLU A 227 4.36 -17.78 -4.24
C GLU A 227 3.24 -18.67 -3.71
N ARG A 228 2.92 -18.56 -2.41
CA ARG A 228 1.91 -19.45 -1.86
C ARG A 228 0.54 -19.15 -2.47
N CYS A 229 0.22 -17.87 -2.68
CA CYS A 229 -1.03 -17.52 -3.34
C CYS A 229 -1.03 -17.95 -4.81
N ARG A 230 0.12 -17.83 -5.48
CA ARG A 230 0.22 -18.31 -6.86
C ARG A 230 -0.07 -19.81 -6.95
N ARG A 231 0.39 -20.57 -5.97
CA ARG A 231 0.23 -22.02 -6.02
C ARG A 231 -1.22 -22.44 -5.75
N GLN A 232 -1.97 -21.63 -5.00
CA GLN A 232 -3.38 -21.94 -4.78
C GLN A 232 -4.20 -21.75 -6.05
N PHE A 233 -4.06 -20.59 -6.70
CA PHE A 233 -4.92 -20.24 -7.82
C PHE A 233 -4.38 -20.69 -9.17
N GLN A 234 -3.05 -20.78 -9.31
CA GLN A 234 -2.38 -21.39 -10.46
C GLN A 234 -2.52 -20.61 -11.76
N GLU A 235 -2.02 -21.20 -12.85
CA GLU A 235 -1.77 -20.47 -14.08
C GLU A 235 -3.03 -19.79 -14.62
N GLY A 236 -2.88 -18.51 -14.95
CA GLY A 236 -3.96 -17.73 -15.53
C GLY A 236 -4.89 -17.08 -14.54
N GLU A 237 -4.85 -17.49 -13.26
CA GLU A 237 -5.74 -16.96 -12.24
C GLU A 237 -5.00 -16.14 -11.20
N GLU A 238 -3.78 -15.70 -11.50
CA GLU A 238 -3.01 -14.94 -10.50
C GLU A 238 -3.66 -13.61 -10.16
N TRP A 239 -4.56 -13.10 -11.01
CA TRP A 239 -5.27 -11.85 -10.69
C TRP A 239 -5.97 -11.92 -9.34
N ASN A 240 -6.35 -13.13 -8.91
CA ASN A 240 -7.03 -13.30 -7.63
C ASN A 240 -6.18 -12.78 -6.48
N CYS A 241 -4.84 -12.85 -6.59
CA CYS A 241 -3.97 -12.46 -5.50
C CYS A 241 -3.85 -10.94 -5.34
N PHE A 242 -4.45 -10.15 -6.23
CA PHE A 242 -4.56 -8.71 -6.01
C PHE A 242 -5.72 -8.32 -5.10
N PHE A 243 -6.50 -9.29 -4.63
CA PHE A 243 -7.61 -9.00 -3.74
C PHE A 243 -7.28 -9.44 -2.33
N GLY A 244 -7.24 -8.47 -1.42
CA GLY A 244 -6.78 -8.65 -0.05
C GLY A 244 -7.31 -9.88 0.66
N TYR A 245 -8.62 -10.10 0.63
CA TYR A 245 -9.18 -11.23 1.37
C TYR A 245 -8.74 -12.57 0.81
N LYS A 246 -8.21 -12.61 -0.41
CA LYS A 246 -7.68 -13.86 -0.97
C LYS A 246 -6.18 -14.05 -0.78
N VAL A 247 -5.40 -12.96 -0.78
CA VAL A 247 -3.95 -13.10 -0.63
C VAL A 247 -3.51 -13.06 0.83
N TYR A 248 -4.23 -12.30 1.68
CA TYR A 248 -3.82 -12.17 3.09
C TYR A 248 -3.69 -13.51 3.82
N PRO A 249 -4.58 -14.49 3.66
CA PRO A 249 -4.40 -15.76 4.39
C PRO A 249 -3.13 -16.52 4.01
N THR A 250 -2.54 -16.24 2.85
CA THR A 250 -1.31 -16.92 2.43
C THR A 250 -0.07 -16.24 2.97
N LEU A 251 -0.23 -15.08 3.60
CA LEU A 251 0.91 -14.33 4.06
C LEU A 251 1.39 -14.79 5.42
N ARG A 252 2.68 -14.66 5.60
CA ARG A 252 3.45 -15.02 6.77
C ARG A 252 3.97 -13.84 7.55
N SER A 253 4.30 -12.71 6.90
CA SER A 253 4.68 -11.58 7.74
C SER A 253 3.46 -10.96 8.43
N PRO A 254 3.63 -10.34 9.61
CA PRO A 254 2.52 -9.61 10.23
C PRO A 254 2.11 -8.41 9.38
N VAL A 255 0.79 -8.26 9.17
CA VAL A 255 0.28 -7.19 8.33
C VAL A 255 -0.92 -6.53 9.02
N PHE A 256 -0.86 -5.22 9.19
CA PHE A 256 -1.93 -4.41 9.73
C PHE A 256 -2.72 -3.81 8.56
N VAL A 257 -4.05 -3.93 8.60
CA VAL A 257 -4.90 -3.56 7.47
C VAL A 257 -5.77 -2.36 7.87
N VAL A 258 -5.65 -1.27 7.11
CA VAL A 258 -6.48 -0.07 7.27
C VAL A 258 -7.37 0.04 6.03
N GLN A 259 -8.68 0.07 6.22
CA GLN A 259 -9.61 0.16 5.09
C GLN A 259 -10.88 0.87 5.54
N TRP A 260 -11.21 2.00 4.90
CA TRP A 260 -12.51 2.60 5.10
C TRP A 260 -13.59 1.63 4.64
N LEU A 261 -14.70 1.54 5.39
CA LEU A 261 -15.76 0.61 5.02
C LEU A 261 -16.45 1.02 3.72
N PHE A 262 -16.48 2.31 3.42
CA PHE A 262 -17.13 2.82 2.22
C PHE A 262 -16.08 3.56 1.38
N ASP A 263 -15.13 2.79 0.85
CA ASP A 263 -13.98 3.36 0.18
C ASP A 263 -14.37 3.95 -1.17
N GLU A 264 -13.84 5.16 -1.45
CA GLU A 264 -14.26 5.89 -2.65
C GLU A 264 -13.78 5.20 -3.93
N ALA A 265 -12.58 4.60 -3.91
CA ALA A 265 -12.12 3.87 -5.08
C ALA A 265 -12.99 2.65 -5.34
N GLN A 266 -13.34 1.93 -4.27
CA GLN A 266 -14.27 0.80 -4.39
C GLN A 266 -15.60 1.24 -5.00
N LEU A 267 -16.16 2.35 -4.52
CA LEU A 267 -17.47 2.77 -5.03
C LEU A 267 -17.37 3.28 -6.46
N THR A 268 -16.23 3.86 -6.85
CA THR A 268 -16.06 4.29 -8.23
C THR A 268 -16.12 3.11 -9.18
N VAL A 269 -15.32 2.07 -8.91
CA VAL A 269 -15.31 0.89 -9.77
C VAL A 269 -16.67 0.20 -9.74
N ASP A 270 -17.42 0.33 -8.65
CA ASP A 270 -18.78 -0.21 -8.56
C ASP A 270 -19.83 0.64 -9.25
N ASN A 271 -19.44 1.79 -9.82
CA ASN A 271 -20.36 2.68 -10.54
C ASN A 271 -21.41 3.29 -9.60
N VAL A 272 -20.96 3.73 -8.43
CA VAL A 272 -21.80 4.46 -7.49
C VAL A 272 -21.32 5.91 -7.46
N HIS A 273 -22.26 6.85 -7.58
CA HIS A 273 -21.95 8.28 -7.52
C HIS A 273 -22.94 8.95 -6.59
N LEU A 274 -22.44 9.43 -5.45
CA LEU A 274 -23.29 10.10 -4.48
C LEU A 274 -23.33 11.60 -4.72
N PRO A 278 -30.40 12.07 -2.94
CA PRO A 278 -31.68 11.43 -2.63
C PRO A 278 -31.72 9.94 -2.92
N VAL A 279 -31.10 9.21 -2.01
CA VAL A 279 -30.65 7.84 -2.25
C VAL A 279 -31.83 6.91 -2.02
N GLN A 280 -32.17 6.11 -3.03
CA GLN A 280 -33.46 5.50 -2.85
C GLN A 280 -33.20 4.10 -2.27
N GLU A 281 -34.24 3.26 -2.20
CA GLU A 281 -34.09 1.99 -1.51
C GLU A 281 -32.99 1.13 -2.13
N GLY A 282 -32.94 1.03 -3.46
CA GLY A 282 -32.00 0.10 -4.09
C GLY A 282 -30.54 0.43 -3.79
N LEU A 283 -30.18 1.71 -3.88
CA LEU A 283 -28.81 2.11 -3.56
C LEU A 283 -28.55 2.01 -2.06
N ARG A 284 -29.55 2.30 -1.23
CA ARG A 284 -29.39 2.16 0.21
C ARG A 284 -28.96 0.74 0.57
N LEU A 285 -29.67 -0.26 0.04
CA LEU A 285 -29.31 -1.65 0.32
C LEU A 285 -27.93 -1.98 -0.25
N TYR A 286 -27.60 -1.46 -1.44
CA TYR A 286 -26.28 -1.72 -2.02
C TYR A 286 -25.17 -1.22 -1.11
N ILE A 287 -25.28 0.03 -0.65
CA ILE A 287 -24.25 0.61 0.20
C ILE A 287 -24.16 -0.11 1.53
N GLN A 288 -25.30 -0.42 2.12
CA GLN A 288 -25.31 -1.14 3.40
C GLN A 288 -24.69 -2.53 3.24
N ASN A 289 -24.95 -3.19 2.10
CA ASN A 289 -24.38 -4.50 1.87
C ASN A 289 -22.87 -4.44 1.68
N LEU A 290 -22.37 -3.39 1.01
CA LEU A 290 -20.92 -3.26 0.79
C LEU A 290 -20.19 -3.14 2.12
N GLY A 291 -20.67 -2.24 2.97
CA GLY A 291 -20.20 -2.19 4.33
C GLY A 291 -20.19 -3.55 5.01
N ARG A 292 -21.23 -4.36 4.82
CA ARG A 292 -21.29 -5.50 5.72
C ARG A 292 -20.36 -6.56 5.19
N GLU A 293 -20.21 -6.55 3.87
CA GLU A 293 -19.30 -7.47 3.23
C GLU A 293 -17.87 -7.15 3.59
N LEU A 294 -17.49 -5.87 3.58
N LEU A 294 -17.47 -5.87 3.60
CA LEU A 294 -16.13 -5.50 3.95
CA LEU A 294 -16.09 -5.56 3.96
C LEU A 294 -15.83 -5.88 5.39
C LEU A 294 -15.82 -5.91 5.41
N ARG A 295 -16.70 -5.48 6.32
CA ARG A 295 -16.69 -5.97 7.69
C ARG A 295 -16.51 -7.47 7.83
N HIS A 296 -17.18 -8.26 6.98
CA HIS A 296 -17.05 -9.72 7.09
C HIS A 296 -15.65 -10.19 6.73
N THR A 297 -15.03 -9.60 5.69
CA THR A 297 -13.72 -10.08 5.26
C THR A 297 -12.62 -9.75 6.28
N LEU A 298 -12.89 -8.86 7.23
CA LEU A 298 -11.91 -8.48 8.25
C LEU A 298 -12.15 -9.16 9.59
N LYS A 299 -13.16 -10.03 9.69
CA LYS A 299 -13.48 -10.62 11.00
C LYS A 299 -12.32 -11.44 11.56
N ASP A 300 -11.56 -12.12 10.69
CA ASP A 300 -10.39 -12.88 11.12
C ASP A 300 -9.07 -12.19 10.78
N VAL A 301 -9.06 -10.87 10.74
CA VAL A 301 -7.80 -10.12 10.60
C VAL A 301 -7.53 -9.45 11.95
N PRO A 302 -6.60 -9.98 12.75
CA PRO A 302 -6.48 -9.51 14.13
C PRO A 302 -5.96 -8.08 14.26
N ALA A 303 -5.20 -7.58 13.29
CA ALA A 303 -4.68 -6.21 13.33
C ALA A 303 -5.32 -5.42 12.19
N SER A 304 -6.33 -4.61 12.50
CA SER A 304 -7.06 -3.90 11.46
C SER A 304 -7.79 -2.68 12.04
N PHE A 305 -8.07 -1.71 11.16
CA PHE A 305 -8.69 -0.44 11.52
C PHE A 305 -9.62 -0.04 10.38
N ALA A 306 -10.93 -0.02 10.64
CA ALA A 306 -11.93 0.11 9.57
C ALA A 306 -13.10 0.99 9.98
N PRO A 307 -13.01 2.30 9.76
CA PRO A 307 -14.10 3.20 10.15
C PRO A 307 -15.21 3.27 9.12
N ALA A 308 -16.41 3.61 9.59
CA ALA A 308 -17.59 3.72 8.73
C ALA A 308 -17.63 5.11 8.11
N CYS A 309 -16.77 5.30 7.10
CA CYS A 309 -16.60 6.59 6.45
C CYS A 309 -16.49 6.41 4.94
N LEU A 310 -16.92 7.43 4.22
CA LEU A 310 -16.68 7.56 2.78
C LEU A 310 -15.41 8.39 2.56
N SER A 311 -14.32 7.71 2.19
CA SER A 311 -13.02 8.37 2.05
C SER A 311 -12.09 7.44 1.28
N HIS A 312 -10.83 7.86 1.13
CA HIS A 312 -9.81 7.04 0.48
C HIS A 312 -8.43 7.53 0.91
N GLU A 313 -7.58 6.58 1.33
CA GLU A 313 -6.25 6.82 1.91
C GLU A 313 -6.30 7.51 3.26
N ILE A 314 -5.25 7.37 4.08
CA ILE A 314 -5.18 8.08 5.35
C ILE A 314 -3.76 8.28 5.89
N ILE A 315 -2.88 7.30 5.75
CA ILE A 315 -1.73 7.28 6.67
C ILE A 315 -0.70 8.39 6.42
N ILE A 316 -0.61 8.99 5.23
CA ILE A 316 0.31 10.11 5.06
C ILE A 316 -0.44 11.45 5.00
N ARG A 317 -1.69 11.48 5.43
CA ARG A 317 -2.43 12.74 5.57
C ARG A 317 -2.11 13.37 6.92
N SER A 318 -1.96 14.69 6.94
CA SER A 318 -1.51 15.37 8.16
C SER A 318 -2.47 15.16 9.32
N HIS A 319 -3.77 15.02 9.04
CA HIS A 319 -4.77 14.90 10.10
C HIS A 319 -5.17 13.46 10.35
N TRP A 320 -4.23 12.52 10.21
CA TRP A 320 -4.56 11.11 10.23
C TRP A 320 -4.82 10.71 11.68
N THR A 321 -4.39 11.55 12.62
CA THR A 321 -4.57 11.38 14.06
C THR A 321 -5.99 11.61 14.52
N ASP A 322 -6.86 12.17 13.67
CA ASP A 322 -8.18 12.61 14.13
C ASP A 322 -9.22 11.49 14.18
N VAL A 323 -9.12 10.49 13.32
N VAL A 323 -9.10 10.47 13.34
CA VAL A 323 -10.16 9.48 13.23
CA VAL A 323 -10.15 9.46 13.19
C VAL A 323 -10.03 8.51 14.39
C VAL A 323 -10.03 8.43 14.31
N GLN A 324 -11.17 8.02 14.87
CA GLN A 324 -11.22 7.06 15.96
C GLN A 324 -12.29 6.00 15.71
N VAL A 325 -11.99 4.77 16.14
CA VAL A 325 -12.97 3.68 16.19
C VAL A 325 -13.05 3.21 17.64
N LYS A 326 -14.27 3.21 18.20
CA LYS A 326 -14.50 2.75 19.57
C LYS A 326 -13.61 3.50 20.56
N GLY A 327 -13.27 4.75 20.25
CA GLY A 327 -12.49 5.59 21.14
C GLY A 327 -10.99 5.54 20.95
N THR A 328 -10.49 4.71 20.03
CA THR A 328 -9.06 4.54 19.82
C THR A 328 -8.67 5.10 18.46
N SER A 329 -7.63 5.92 18.45
CA SER A 329 -7.16 6.51 17.20
C SER A 329 -6.27 5.52 16.44
N LEU A 330 -5.98 5.85 15.18
CA LEU A 330 -5.13 4.97 14.38
C LEU A 330 -3.69 4.94 14.88
N PRO A 331 -3.05 6.08 15.20
CA PRO A 331 -1.71 6.00 15.81
C PRO A 331 -1.66 5.16 17.09
N ARG A 332 -2.71 5.23 17.93
CA ARG A 332 -2.72 4.39 19.12
C ARG A 332 -2.83 2.91 18.75
N ALA A 333 -3.72 2.58 17.81
CA ALA A 333 -3.88 1.19 17.39
C ALA A 333 -2.57 0.61 16.87
N LEU A 334 -1.81 1.41 16.12
CA LEU A 334 -0.51 0.94 15.61
C LEU A 334 0.49 0.74 16.74
N HIS A 335 0.48 1.62 17.76
CA HIS A 335 1.32 1.43 18.92
C HIS A 335 0.97 0.14 19.66
N CYS A 336 -0.33 -0.13 19.83
CA CYS A 336 -0.77 -1.38 20.43
C CYS A 336 -0.30 -2.58 19.63
N TRP A 337 -0.33 -2.47 18.30
CA TRP A 337 0.21 -3.51 17.43
C TRP A 337 1.68 -3.79 17.75
N ASP A 338 2.50 -2.73 17.87
CA ASP A 338 3.90 -2.92 18.25
C ASP A 338 4.02 -3.68 19.57
N ARG A 339 3.20 -3.31 20.56
CA ARG A 339 3.28 -3.96 21.86
C ARG A 339 2.90 -5.44 21.76
N SER A 340 1.90 -5.75 20.92
CA SER A 340 1.48 -7.13 20.74
C SER A 340 2.55 -8.00 20.10
N LEU A 341 3.50 -7.41 19.38
CA LEU A 341 4.53 -8.17 18.68
C LEU A 341 5.82 -8.27 19.49
N HIS A 342 5.82 -7.78 20.73
CA HIS A 342 6.97 -7.94 21.62
C HIS A 342 7.12 -9.40 22.03
N PRO A 351 -4.14 -10.85 25.06
CA PRO A 351 -4.86 -9.58 24.93
C PRO A 351 -4.30 -8.48 25.84
N LEU A 352 -4.25 -7.25 25.33
CA LEU A 352 -3.71 -6.13 26.09
C LEU A 352 -4.84 -5.27 26.65
N LYS A 353 -4.77 -5.00 27.96
CA LYS A 353 -5.78 -4.20 28.63
C LYS A 353 -5.76 -2.77 28.11
N GLY A 354 -6.89 -2.32 27.56
CA GLY A 354 -7.05 -0.95 27.12
C GLY A 354 -6.23 -0.53 25.92
N CYS A 355 -5.67 -1.47 25.15
CA CYS A 355 -4.81 -1.10 24.03
C CYS A 355 -5.14 -2.09 22.92
N PRO A 356 -6.26 -1.89 22.24
CA PRO A 356 -6.75 -2.87 21.26
C PRO A 356 -6.08 -2.73 19.91
N VAL A 357 -6.17 -3.80 19.13
CA VAL A 357 -5.53 -3.87 17.83
C VAL A 357 -6.52 -4.19 16.70
N HIS A 358 -7.70 -4.74 17.01
CA HIS A 358 -8.74 -5.05 16.02
C HIS A 358 -9.89 -4.08 16.22
N LEU A 359 -10.06 -3.13 15.30
CA LEU A 359 -10.99 -2.01 15.47
C LEU A 359 -11.81 -1.82 14.19
N VAL A 360 -13.02 -2.39 14.15
CA VAL A 360 -13.87 -2.35 12.97
C VAL A 360 -15.24 -1.81 13.39
N ASP A 361 -15.69 -0.74 12.72
CA ASP A 361 -17.01 -0.18 13.04
C ASP A 361 -18.11 -1.17 12.70
N SER A 362 -19.19 -1.09 13.49
CA SER A 362 -20.38 -1.90 13.24
C SER A 362 -21.58 -1.09 12.77
N CYS A 363 -21.54 0.25 12.85
CA CYS A 363 -22.70 0.99 12.38
C CYS A 363 -22.71 1.03 10.84
N PRO A 364 -23.88 1.06 10.21
CA PRO A 364 -24.02 0.59 8.83
C PRO A 364 -24.11 1.67 7.74
N TRP A 365 -23.88 2.93 8.04
CA TRP A 365 -24.02 3.97 7.03
C TRP A 365 -22.82 4.90 7.09
N PRO A 366 -22.40 5.44 5.97
CA PRO A 366 -21.38 6.49 6.05
C PRO A 366 -21.89 7.69 6.81
N HIS A 367 -21.41 7.81 8.03
CA HIS A 367 -20.59 8.96 8.32
C HIS A 367 -20.80 8.65 9.79
N CYS A 368 -21.38 7.46 10.05
CA CYS A 368 -22.07 7.17 11.30
C CYS A 368 -21.10 7.22 12.46
N ASN A 369 -19.83 7.27 12.14
CA ASN A 369 -18.77 7.56 13.10
C ASN A 369 -18.53 9.06 13.07
N PRO A 370 -18.69 9.79 14.18
CA PRO A 370 -18.56 11.26 14.13
C PRO A 370 -17.16 11.74 13.78
N SER A 371 -16.13 10.89 13.82
CA SER A 371 -14.76 11.34 13.60
C SER A 371 -14.32 11.22 12.14
N CYS A 372 -15.24 10.92 11.22
CA CYS A 372 -14.87 10.74 9.82
C CYS A 372 -14.29 12.03 9.24
N PRO A 373 -13.43 11.93 8.22
CA PRO A 373 -12.92 13.13 7.57
C PRO A 373 -14.04 13.98 7.00
N THR A 374 -13.91 15.29 7.13
CA THR A 374 -15.00 16.19 6.80
C THR A 374 -15.16 16.32 5.29
S SO4 B . 2.92 15.52 -14.89
O1 SO4 B . 3.03 14.48 -13.88
O2 SO4 B . 2.25 16.69 -14.31
O3 SO4 B . 2.14 15.04 -16.04
O4 SO4 B . 4.26 15.90 -15.33
C1 NAG C . 20.89 -4.41 -11.49
C2 NAG C . 21.79 -5.59 -11.13
C3 NAG C . 21.57 -6.74 -12.10
C4 NAG C . 20.10 -7.13 -12.13
C5 NAG C . 19.26 -5.90 -12.48
C6 NAG C . 17.78 -6.16 -12.44
C7 NAG C . 23.95 -5.26 -10.00
C8 NAG C . 25.37 -4.81 -10.16
N2 NAG C . 23.19 -5.19 -11.10
O3 NAG C . 22.36 -7.86 -11.71
O4 NAG C . 19.88 -8.13 -13.10
O5 NAG C . 19.52 -4.85 -11.53
O6 NAG C . 17.35 -6.50 -11.13
O7 NAG C . 23.51 -5.65 -8.93
S SO4 D . -16.70 -6.04 16.57
O1 SO4 D . -17.24 -7.40 16.51
O2 SO4 D . -15.89 -5.89 17.77
O3 SO4 D . -17.81 -5.08 16.61
O4 SO4 D . -15.88 -5.78 15.39
S SO4 E . 3.86 -2.33 -26.63
O1 SO4 E . 3.65 -1.38 -25.55
O2 SO4 E . 5.18 -2.93 -26.51
O3 SO4 E . 2.83 -3.37 -26.58
O4 SO4 E . 3.77 -1.63 -27.91
S SO4 F . 8.80 6.79 18.26
O1 SO4 F . 9.55 7.42 19.35
O2 SO4 F . 8.65 5.36 18.56
O3 SO4 F . 7.49 7.41 18.18
O4 SO4 F . 9.52 6.96 17.01
S SO4 G . -6.13 0.79 -7.41
O1 SO4 G . -7.10 1.64 -6.73
O2 SO4 G . -5.63 -0.22 -6.47
O3 SO4 G . -6.75 0.13 -8.54
O4 SO4 G . -5.01 1.60 -7.87
S SO4 H . 24.43 11.28 -0.10
O1 SO4 H . 24.60 12.21 1.01
O2 SO4 H . 24.80 9.95 0.34
O3 SO4 H . 23.03 11.23 -0.55
O4 SO4 H . 25.29 11.69 -1.21
S SO4 I . -28.85 6.57 -8.59
O1 SO4 I . -29.40 7.62 -7.74
O2 SO4 I . -27.42 6.41 -8.31
O3 SO4 I . -29.03 6.94 -10.00
O4 SO4 I . -29.54 5.32 -8.33
S SO4 J . 8.66 -15.28 -4.26
O1 SO4 J . 8.32 -14.80 -2.94
O2 SO4 J . 9.11 -16.68 -4.18
O3 SO4 J . 7.50 -15.20 -5.14
O4 SO4 J . 9.74 -14.47 -4.82
S SO4 K . 3.97 -24.42 1.73
O1 SO4 K . 4.88 -23.54 2.45
O2 SO4 K . 3.92 -25.70 2.40
O3 SO4 K . 2.64 -23.83 1.69
O4 SO4 K . 4.46 -24.60 0.35
N1 B1A L . -16.73 -7.62 -9.63
C4 B1A L . -14.30 -7.29 -9.95
C5 B1A L . -13.15 -6.52 -9.86
C6 B1A L . -13.20 -5.23 -9.33
C7 B1A L . -14.44 -4.74 -8.92
C8 B1A L . -15.59 -5.51 -9.01
C10 B1A L . -10.65 -2.47 -8.80
C13 B1A L . -11.89 -2.11 -6.36
C1 B1A L . -18.24 -9.55 -10.40
C2 B1A L . -16.90 -8.83 -10.43
O1 B1A L . -16.03 -9.27 -11.11
C3 B1A L . -15.53 -6.80 -9.53
N2 B1A L . -11.96 -4.48 -9.27
C9 B1A L . -11.63 -3.37 -8.39
C11 B1A L . -10.30 -1.39 -8.00
C12 B1A L . -10.92 -1.22 -6.78
C14 B1A L . -12.25 -3.19 -7.15
S DMS M . -6.99 -4.45 -7.84
O DMS M . -7.11 -3.32 -8.81
C1 DMS M . -5.92 -3.94 -6.46
C2 DMS M . -8.56 -4.64 -6.95
#